data_3G9E
#
_entry.id   3G9E
#
_cell.length_a   53.911
_cell.length_b   70.039
_cell.length_c   88.478
_cell.angle_alpha   90.00
_cell.angle_beta   90.00
_cell.angle_gamma   90.00
#
_symmetry.space_group_name_H-M   'P 21 21 21'
#
loop_
_entity.id
_entity.type
_entity.pdbx_description
1 polymer 'Peroxisome proliferator-activated receptor gamma'
2 polymer 'Nuclear receptor coactivator 1'
3 non-polymer '(2S)-2-methoxy-3-{4-[2-(5-methyl-2-phenyl-1,3-oxazol-4-yl)ethoxy]-1-benzothiophen-7-yl}propanoic acid'
4 water water
#
loop_
_entity_poly.entity_id
_entity_poly.type
_entity_poly.pdbx_seq_one_letter_code
_entity_poly.pdbx_strand_id
1 'polypeptide(L)'
;ESADLRALAKHLYDSYIKSFPLTKAKARAILTGKTTDKSPFVIYDMNSLMMGEDKIKFKHITPLQEQSKEVAIRIFQGCQ
FRSVEAVQEITEYAKSIPGFVNLDLNDQVTLLKYGVHEIIYTMLASLMNKDGVLISEGQGFMTREFLKSLRKPFGDFMEP
KFEFAVKFNALELDDSDLAIFIAVIILSGDRPGLLNVKPIEDIQDNLLQALELQLKLNHPESSQLFAKLLQKMTDLRQIV
TEHVQLLQVIKKTETDMSLHPLLQEIYKDLY
;
A
2 'polypeptide(L)' QTSHKLVQLLTTT B
#
# COMPACT_ATOMS: atom_id res chain seq x y z
N GLU A 1 27.92 -7.58 -7.90
CA GLU A 1 28.17 -8.78 -7.05
C GLU A 1 26.93 -9.14 -6.21
N SER A 2 26.59 -10.41 -6.25
CA SER A 2 25.42 -10.98 -5.58
C SER A 2 25.40 -10.75 -4.06
N ALA A 3 26.58 -10.73 -3.43
CA ALA A 3 26.64 -10.53 -1.98
C ALA A 3 26.07 -9.17 -1.63
N ASP A 4 26.39 -8.20 -2.47
CA ASP A 4 25.87 -6.83 -2.27
C ASP A 4 24.35 -6.80 -2.41
N LEU A 5 23.84 -7.53 -3.41
CA LEU A 5 22.42 -7.55 -3.63
C LEU A 5 21.67 -8.17 -2.45
N ARG A 6 22.30 -9.15 -1.78
CA ARG A 6 21.68 -9.77 -0.62
C ARG A 6 21.75 -8.79 0.54
N ALA A 7 22.84 -8.04 0.65
CA ALA A 7 22.93 -7.06 1.74
C ALA A 7 21.87 -5.95 1.51
N LEU A 8 21.67 -5.54 0.25
CA LEU A 8 20.65 -4.54 -0.09
C LEU A 8 19.25 -5.09 0.29
N ALA A 9 18.98 -6.34 -0.11
CA ALA A 9 17.70 -7.00 0.21
C ALA A 9 17.45 -6.96 1.71
N LYS A 10 18.47 -7.40 2.46
CA LYS A 10 18.41 -7.41 3.92
C LYS A 10 18.17 -6.00 4.54
N HIS A 11 18.92 -5.00 4.09
CA HIS A 11 18.75 -3.65 4.59
C HIS A 11 17.31 -3.15 4.30
N LEU A 12 16.78 -3.44 3.12
CA LEU A 12 15.39 -3.06 2.74
C LEU A 12 14.37 -3.73 3.67
N TYR A 13 14.57 -5.01 3.93
CA TYR A 13 13.70 -5.78 4.79
C TYR A 13 13.76 -5.24 6.23
N ASP A 14 14.95 -4.94 6.73
CA ASP A 14 15.06 -4.40 8.09
C ASP A 14 14.36 -3.03 8.18
N SER A 15 14.52 -2.22 7.13
CA SER A 15 13.92 -0.90 7.07
C SER A 15 12.41 -1.01 7.03
N TYR A 16 11.93 -2.05 6.36
CA TYR A 16 10.50 -2.35 6.23
C TYR A 16 9.93 -2.67 7.63
N ILE A 17 10.60 -3.53 8.38
CA ILE A 17 10.15 -3.92 9.72
C ILE A 17 10.12 -2.69 10.67
N LYS A 18 11.02 -1.74 10.44
CA LYS A 18 11.09 -0.54 11.26
C LYS A 18 10.03 0.47 10.91
N SER A 19 9.55 0.42 9.67
CA SER A 19 8.58 1.38 9.18
C SER A 19 7.12 0.95 9.27
N PHE A 20 6.88 -0.35 9.21
CA PHE A 20 5.50 -0.87 9.22
C PHE A 20 5.22 -1.78 10.40
N PRO A 21 4.60 -1.23 11.44
CA PRO A 21 4.30 -2.01 12.65
C PRO A 21 3.57 -3.32 12.36
N LEU A 22 2.63 -3.31 11.43
CA LEU A 22 1.88 -4.51 11.10
C LEU A 22 2.34 -5.13 9.78
N THR A 23 3.04 -6.26 9.87
CA THR A 23 3.56 -6.92 8.67
C THR A 23 2.61 -7.93 8.12
N LYS A 24 2.93 -8.42 6.93
CA LYS A 24 2.10 -9.41 6.30
C LYS A 24 2.14 -10.68 7.14
N ALA A 25 3.33 -11.06 7.66
CA ALA A 25 3.41 -12.29 8.48
C ALA A 25 2.47 -12.24 9.66
N LYS A 26 2.47 -11.12 10.36
CA LYS A 26 1.60 -10.93 11.52
C LYS A 26 0.11 -10.92 11.08
N ALA A 27 -0.17 -10.35 9.90
CA ALA A 27 -1.55 -10.33 9.42
C ALA A 27 -2.06 -11.74 9.04
N ARG A 28 -1.26 -12.51 8.30
CA ARG A 28 -1.72 -13.86 7.95
C ARG A 28 -1.89 -14.68 9.23
N ALA A 29 -1.04 -14.42 10.22
CA ALA A 29 -1.14 -15.15 11.48
C ALA A 29 -2.50 -14.84 12.14
N ILE A 30 -2.89 -13.57 12.15
CA ILE A 30 -4.17 -13.19 12.73
C ILE A 30 -5.31 -13.76 11.89
N LEU A 31 -5.23 -13.63 10.57
CA LEU A 31 -6.30 -14.12 9.69
C LEU A 31 -6.53 -15.62 9.71
N THR A 32 -5.47 -16.39 9.98
CA THR A 32 -5.58 -17.84 10.02
C THR A 32 -5.72 -18.33 11.47
N GLY A 33 -5.82 -17.39 12.40
CA GLY A 33 -5.96 -17.75 13.81
C GLY A 33 -4.75 -18.44 14.42
N LYS A 34 -3.56 -18.22 13.87
CA LYS A 34 -2.37 -18.85 14.45
C LYS A 34 -1.61 -17.87 15.32
N THR A 35 -2.36 -17.00 15.99
CA THR A 35 -1.77 -16.00 16.87
C THR A 35 -2.20 -16.31 18.31
N THR A 36 -1.47 -15.77 19.27
CA THR A 36 -1.76 -15.99 20.68
C THR A 36 -3.16 -15.51 21.09
N ASP A 37 -3.25 -14.87 22.26
CA ASP A 37 -4.52 -14.39 22.81
C ASP A 37 -5.13 -13.18 22.10
N LYS A 38 -5.83 -13.42 20.98
CA LYS A 38 -6.42 -12.30 20.27
C LYS A 38 -7.13 -12.58 18.93
N SER A 39 -8.42 -12.86 18.97
CA SER A 39 -9.17 -13.08 17.72
C SER A 39 -9.91 -11.76 17.51
N PRO A 40 -9.86 -11.21 16.28
CA PRO A 40 -10.52 -9.94 15.94
C PRO A 40 -12.05 -9.84 15.94
N PHE A 41 -12.55 -8.68 16.31
CA PHE A 41 -13.98 -8.40 16.33
C PHE A 41 -14.39 -8.38 14.85
N VAL A 42 -15.49 -9.03 14.52
CA VAL A 42 -15.96 -9.11 13.15
C VAL A 42 -17.10 -8.13 12.83
N ILE A 43 -16.86 -7.22 11.89
CA ILE A 43 -17.89 -6.26 11.47
C ILE A 43 -18.52 -6.79 10.18
N TYR A 44 -19.82 -7.10 10.24
CA TYR A 44 -20.54 -7.64 9.09
C TYR A 44 -21.93 -7.00 8.80
N ASP A 45 -22.36 -6.06 9.63
CA ASP A 45 -23.64 -5.39 9.45
C ASP A 45 -23.58 -4.03 10.13
N MET A 46 -24.69 -3.29 10.13
CA MET A 46 -24.76 -1.97 10.78
C MET A 46 -24.44 -2.15 12.25
N ASN A 47 -25.14 -3.10 12.87
CA ASN A 47 -24.97 -3.38 14.28
C ASN A 47 -23.51 -3.75 14.57
N SER A 48 -23.01 -4.81 13.92
CA SER A 48 -21.61 -5.24 14.13
C SER A 48 -20.72 -4.00 14.14
N LEU A 49 -20.88 -3.19 13.10
CA LEU A 49 -20.10 -1.97 12.96
C LEU A 49 -20.15 -1.13 14.21
N MET A 50 -21.37 -0.81 14.66
CA MET A 50 -21.57 0.02 15.84
C MET A 50 -20.85 -0.58 17.06
N MET A 51 -20.94 -1.91 17.19
CA MET A 51 -20.28 -2.61 18.29
C MET A 51 -18.78 -2.32 18.25
N GLY A 52 -18.24 -2.31 17.03
CA GLY A 52 -16.82 -2.05 16.83
C GLY A 52 -16.32 -0.74 17.37
N GLU A 53 -17.11 0.33 17.21
CA GLU A 53 -16.71 1.66 17.68
C GLU A 53 -16.11 1.64 19.09
N ASP A 54 -16.63 0.75 19.93
CA ASP A 54 -16.16 0.59 21.31
C ASP A 54 -14.87 -0.22 21.34
N LYS A 55 -14.88 -1.33 20.62
CA LYS A 55 -13.72 -2.21 20.57
C LYS A 55 -12.91 -1.93 19.29
N LYS A 69 -21.59 10.49 10.27
CA LYS A 69 -22.78 10.45 9.45
C LYS A 69 -23.39 9.04 9.38
N GLU A 70 -23.60 8.58 8.15
CA GLU A 70 -24.14 7.27 7.82
C GLU A 70 -22.99 6.26 7.63
N VAL A 71 -23.35 4.99 7.53
CA VAL A 71 -22.41 3.89 7.37
C VAL A 71 -21.27 4.05 6.35
N ALA A 72 -21.64 4.22 5.08
CA ALA A 72 -20.66 4.35 4.01
C ALA A 72 -19.66 5.46 4.24
N ILE A 73 -20.13 6.61 4.72
CA ILE A 73 -19.26 7.77 4.95
C ILE A 73 -18.26 7.49 6.07
N ARG A 74 -18.74 6.87 7.15
CA ARG A 74 -17.89 6.54 8.27
C ARG A 74 -16.77 5.55 7.91
N ILE A 75 -17.09 4.57 7.07
CA ILE A 75 -16.08 3.64 6.61
C ILE A 75 -15.13 4.37 5.65
N PHE A 76 -15.67 5.24 4.82
CA PHE A 76 -14.83 5.98 3.90
C PHE A 76 -13.78 6.76 4.67
N GLN A 77 -14.19 7.54 5.67
CA GLN A 77 -13.19 8.29 6.41
C GLN A 77 -12.26 7.39 7.25
N GLY A 78 -12.73 6.22 7.63
CA GLY A 78 -11.85 5.32 8.35
C GLY A 78 -10.72 4.93 7.39
N CYS A 79 -11.05 4.74 6.11
CA CYS A 79 -10.04 4.37 5.13
C CYS A 79 -9.07 5.52 4.92
N GLN A 80 -9.57 6.73 5.11
CA GLN A 80 -8.74 7.92 4.93
C GLN A 80 -7.72 8.06 6.05
N PHE A 81 -8.15 7.91 7.29
CA PHE A 81 -7.20 8.00 8.41
C PHE A 81 -6.18 6.89 8.24
N ARG A 82 -6.64 5.71 7.84
CA ARG A 82 -5.73 4.60 7.63
C ARG A 82 -4.69 5.02 6.59
N SER A 83 -5.18 5.63 5.53
CA SER A 83 -4.37 6.10 4.43
C SER A 83 -3.35 7.17 4.85
N VAL A 84 -3.77 8.16 5.64
CA VAL A 84 -2.83 9.20 6.07
C VAL A 84 -1.74 8.58 6.93
N GLU A 85 -2.11 7.62 7.76
CA GLU A 85 -1.14 6.88 8.58
C GLU A 85 -0.14 6.14 7.62
N ALA A 86 -0.68 5.45 6.61
CA ALA A 86 0.14 4.71 5.67
C ALA A 86 1.16 5.58 4.94
N VAL A 87 0.76 6.80 4.57
CA VAL A 87 1.66 7.70 3.88
C VAL A 87 2.88 7.98 4.73
N GLN A 88 2.66 8.18 6.03
CA GLN A 88 3.75 8.47 6.94
C GLN A 88 4.70 7.25 7.08
N GLU A 89 4.14 6.05 7.15
CA GLU A 89 4.96 4.87 7.26
C GLU A 89 5.77 4.64 5.99
N ILE A 90 5.09 4.76 4.86
CA ILE A 90 5.72 4.58 3.56
C ILE A 90 6.81 5.62 3.32
N THR A 91 6.58 6.86 3.76
CA THR A 91 7.58 7.92 3.62
C THR A 91 8.88 7.59 4.39
N GLU A 92 8.72 7.10 5.62
CA GLU A 92 9.84 6.71 6.44
C GLU A 92 10.61 5.57 5.77
N TYR A 93 9.88 4.61 5.23
CA TYR A 93 10.52 3.48 4.55
C TYR A 93 11.33 4.03 3.37
N ALA A 94 10.74 4.96 2.60
CA ALA A 94 11.46 5.48 1.42
C ALA A 94 12.77 6.19 1.79
N LYS A 95 12.81 6.82 2.96
CA LYS A 95 14.02 7.51 3.38
C LYS A 95 15.14 6.54 3.74
N SER A 96 14.80 5.27 3.88
CA SER A 96 15.81 4.25 4.16
C SER A 96 16.29 3.52 2.88
N ILE A 97 15.72 3.83 1.72
CA ILE A 97 16.17 3.24 0.46
C ILE A 97 17.44 4.00 0.06
N PRO A 98 18.57 3.28 -0.12
CA PRO A 98 19.86 3.90 -0.48
C PRO A 98 19.77 4.81 -1.68
N GLY A 99 20.26 6.03 -1.51
CA GLY A 99 20.26 6.98 -2.60
C GLY A 99 19.01 7.84 -2.66
N PHE A 100 17.92 7.37 -2.04
CA PHE A 100 16.68 8.15 -2.08
C PHE A 100 16.84 9.55 -1.51
N VAL A 101 17.36 9.71 -0.29
CA VAL A 101 17.45 11.07 0.26
C VAL A 101 18.39 12.03 -0.45
N ASN A 102 19.28 11.52 -1.31
CA ASN A 102 20.18 12.40 -2.07
C ASN A 102 19.54 12.86 -3.37
N LEU A 103 18.32 12.41 -3.66
CA LEU A 103 17.67 12.86 -4.88
C LEU A 103 17.11 14.24 -4.65
N ASP A 104 16.99 14.99 -5.73
CA ASP A 104 16.38 16.32 -5.67
C ASP A 104 15.09 16.20 -4.82
N LEU A 105 14.97 17.07 -3.82
CA LEU A 105 13.82 17.02 -2.93
C LEU A 105 12.49 17.05 -3.63
N ASN A 106 12.44 17.72 -4.78
CA ASN A 106 11.19 17.80 -5.56
C ASN A 106 10.89 16.46 -6.23
N ASP A 107 11.92 15.74 -6.69
CA ASP A 107 11.69 14.45 -7.29
C ASP A 107 11.26 13.45 -6.20
N GLN A 108 11.75 13.65 -4.97
CA GLN A 108 11.36 12.82 -3.83
C GLN A 108 9.86 13.02 -3.59
N VAL A 109 9.40 14.28 -3.60
CA VAL A 109 7.99 14.58 -3.41
C VAL A 109 7.20 13.91 -4.55
N THR A 110 7.68 14.09 -5.76
CA THR A 110 7.02 13.51 -6.92
C THR A 110 6.92 11.98 -6.82
N LEU A 111 8.04 11.33 -6.53
CA LEU A 111 8.04 9.88 -6.39
C LEU A 111 7.01 9.44 -5.35
N LEU A 112 6.95 10.16 -4.25
CA LEU A 112 6.00 9.84 -3.17
C LEU A 112 4.56 10.10 -3.53
N LYS A 113 4.30 11.25 -4.16
CA LYS A 113 2.95 11.60 -4.56
C LYS A 113 2.31 10.53 -5.43
N TYR A 114 3.06 10.06 -6.42
CA TYR A 114 2.58 9.03 -7.35
C TYR A 114 2.71 7.60 -6.90
N GLY A 115 3.62 7.33 -5.97
CA GLY A 115 3.80 5.96 -5.53
C GLY A 115 3.08 5.49 -4.30
N VAL A 116 2.76 6.42 -3.41
CA VAL A 116 2.14 6.05 -2.15
C VAL A 116 0.84 5.20 -2.21
N HIS A 117 -0.13 5.52 -3.06
CA HIS A 117 -1.34 4.68 -3.08
C HIS A 117 -1.08 3.31 -3.69
N GLU A 118 -0.12 3.23 -4.62
CA GLU A 118 0.21 1.94 -5.22
C GLU A 118 0.74 0.99 -4.12
N ILE A 119 1.50 1.54 -3.17
CA ILE A 119 2.03 0.75 -2.06
C ILE A 119 0.89 0.48 -1.06
N ILE A 120 0.01 1.47 -0.86
CA ILE A 120 -1.10 1.27 0.05
C ILE A 120 -1.92 0.05 -0.42
N TYR A 121 -2.23 -0.03 -1.70
CA TYR A 121 -3.03 -1.15 -2.19
C TYR A 121 -2.24 -2.47 -2.16
N THR A 122 -0.95 -2.37 -2.45
CA THR A 122 -0.08 -3.54 -2.40
C THR A 122 -0.13 -4.10 -0.98
N MET A 123 0.06 -3.23 -0.01
CA MET A 123 0.11 -3.64 1.39
C MET A 123 -1.24 -3.99 1.96
N LEU A 124 -2.27 -3.34 1.44
CA LEU A 124 -3.64 -3.60 1.84
C LEU A 124 -4.00 -5.05 1.53
N ALA A 125 -3.41 -5.61 0.48
CA ALA A 125 -3.66 -6.99 0.09
C ALA A 125 -3.16 -7.92 1.22
N SER A 126 -2.11 -7.48 1.91
CA SER A 126 -1.57 -8.25 3.01
C SER A 126 -2.63 -8.49 4.12
N LEU A 127 -3.57 -7.57 4.29
CA LEU A 127 -4.57 -7.73 5.35
C LEU A 127 -5.91 -8.28 4.84
N MET A 128 -5.91 -8.78 3.62
CA MET A 128 -7.09 -9.33 2.98
C MET A 128 -7.05 -10.81 2.62
N ASN A 129 -8.21 -11.45 2.69
CA ASN A 129 -8.34 -12.82 2.18
C ASN A 129 -9.62 -12.68 1.35
N LYS A 130 -10.05 -13.73 0.68
CA LYS A 130 -11.25 -13.66 -0.14
C LYS A 130 -12.54 -13.22 0.59
N ASP A 131 -12.53 -13.24 1.92
CA ASP A 131 -13.72 -12.90 2.71
C ASP A 131 -13.76 -11.59 3.50
N GLY A 132 -12.67 -10.85 3.54
CA GLY A 132 -12.68 -9.60 4.29
C GLY A 132 -11.30 -9.00 4.47
N VAL A 133 -11.24 -7.93 5.26
CA VAL A 133 -9.99 -7.24 5.46
C VAL A 133 -9.84 -6.85 6.91
N LEU A 134 -8.61 -6.93 7.41
CA LEU A 134 -8.32 -6.55 8.79
C LEU A 134 -8.30 -5.02 8.90
N ILE A 135 -8.84 -4.49 9.99
CA ILE A 135 -8.83 -3.05 10.21
C ILE A 135 -8.22 -2.71 11.56
N SER A 136 -7.82 -1.46 11.71
CA SER A 136 -7.22 -0.94 12.94
C SER A 136 -6.20 -1.88 13.62
N GLU A 137 -5.00 -1.94 13.05
CA GLU A 137 -3.91 -2.78 13.55
C GLU A 137 -4.34 -4.22 13.76
N GLY A 138 -5.31 -4.68 12.99
CA GLY A 138 -5.74 -6.06 13.15
C GLY A 138 -6.74 -6.42 14.23
N GLN A 139 -7.30 -5.45 14.94
CA GLN A 139 -8.30 -5.70 16.00
C GLN A 139 -9.70 -5.97 15.43
N GLY A 140 -9.86 -5.76 14.13
CA GLY A 140 -11.15 -5.99 13.53
C GLY A 140 -11.04 -6.68 12.20
N PHE A 141 -12.16 -7.23 11.74
CA PHE A 141 -12.24 -7.89 10.46
C PHE A 141 -13.58 -7.50 9.88
N MET A 142 -13.55 -6.75 8.78
CA MET A 142 -14.75 -6.27 8.10
C MET A 142 -14.96 -7.18 6.90
N THR A 143 -16.13 -7.83 6.86
CA THR A 143 -16.42 -8.74 5.76
C THR A 143 -16.54 -8.08 4.40
N ARG A 144 -16.21 -8.86 3.39
CA ARG A 144 -16.28 -8.41 2.03
C ARG A 144 -17.75 -8.16 1.64
N GLU A 145 -18.63 -9.06 2.08
CA GLU A 145 -20.05 -8.93 1.75
C GLU A 145 -20.61 -7.64 2.32
N PHE A 146 -20.20 -7.27 3.51
CA PHE A 146 -20.67 -6.03 4.13
C PHE A 146 -20.20 -4.79 3.36
N LEU A 147 -18.94 -4.77 2.98
CA LEU A 147 -18.37 -3.65 2.24
C LEU A 147 -19.08 -3.45 0.90
N LYS A 148 -19.61 -4.55 0.37
CA LYS A 148 -20.30 -4.57 -0.92
C LYS A 148 -21.76 -4.07 -0.80
N SER A 149 -22.28 -4.07 0.42
CA SER A 149 -23.64 -3.62 0.70
C SER A 149 -23.70 -2.10 0.85
N LEU A 150 -22.54 -1.44 0.81
CA LEU A 150 -22.50 0.00 0.96
C LEU A 150 -23.14 0.77 -0.21
N ARG A 151 -23.89 1.81 0.15
CA ARG A 151 -24.58 2.67 -0.81
C ARG A 151 -23.63 3.15 -1.92
N LYS A 152 -24.14 3.23 -3.14
CA LYS A 152 -23.32 3.70 -4.25
C LYS A 152 -22.95 5.13 -3.89
N PRO A 153 -21.74 5.58 -4.28
CA PRO A 153 -20.69 4.91 -5.04
C PRO A 153 -19.60 4.23 -4.20
N PHE A 154 -19.81 4.18 -2.88
CA PHE A 154 -18.82 3.60 -2.00
C PHE A 154 -18.56 2.09 -2.07
N GLY A 155 -19.57 1.31 -2.43
CA GLY A 155 -19.39 -0.13 -2.53
C GLY A 155 -18.32 -0.53 -3.53
N ASP A 156 -18.30 0.13 -4.68
CA ASP A 156 -17.32 -0.24 -5.68
C ASP A 156 -15.90 0.27 -5.41
N PHE A 157 -15.69 0.80 -4.21
CA PHE A 157 -14.37 1.27 -3.78
C PHE A 157 -13.57 0.07 -3.26
N MET A 158 -14.29 -0.88 -2.68
CA MET A 158 -13.67 -2.04 -2.08
C MET A 158 -13.46 -3.26 -2.96
N GLU A 159 -14.48 -3.65 -3.70
CA GLU A 159 -14.38 -4.83 -4.53
C GLU A 159 -13.14 -4.92 -5.41
N PRO A 160 -12.86 -3.89 -6.23
CA PRO A 160 -11.65 -4.03 -7.07
C PRO A 160 -10.34 -4.21 -6.27
N LYS A 161 -10.35 -3.85 -5.00
CA LYS A 161 -9.13 -4.03 -4.20
C LYS A 161 -9.03 -5.50 -3.79
N PHE A 162 -10.18 -6.12 -3.50
CA PHE A 162 -10.20 -7.53 -3.12
C PHE A 162 -9.81 -8.37 -4.34
N GLU A 163 -10.34 -7.98 -5.51
CA GLU A 163 -10.07 -8.70 -6.75
C GLU A 163 -8.56 -8.75 -7.01
N PHE A 164 -7.87 -7.62 -6.83
CA PHE A 164 -6.44 -7.56 -7.02
C PHE A 164 -5.72 -8.34 -5.93
N ALA A 165 -6.17 -8.17 -4.69
CA ALA A 165 -5.56 -8.83 -3.54
C ALA A 165 -5.59 -10.34 -3.59
N VAL A 166 -6.72 -10.92 -4.00
CA VAL A 166 -6.76 -12.38 -4.05
C VAL A 166 -5.76 -12.89 -5.07
N LYS A 167 -5.70 -12.27 -6.25
CA LYS A 167 -4.74 -12.67 -7.27
C LYS A 167 -3.32 -12.31 -6.84
N PHE A 168 -3.11 -11.13 -6.24
CA PHE A 168 -1.75 -10.75 -5.79
C PHE A 168 -1.24 -11.75 -4.73
N ASN A 169 -2.09 -12.07 -3.75
CA ASN A 169 -1.72 -13.00 -2.69
C ASN A 169 -1.42 -14.43 -3.14
N ALA A 170 -1.99 -14.83 -4.29
CA ALA A 170 -1.76 -16.18 -4.81
C ALA A 170 -0.29 -16.30 -5.18
N LEU A 171 0.38 -15.17 -5.34
CA LEU A 171 1.79 -15.18 -5.67
C LEU A 171 2.65 -15.49 -4.46
N GLU A 172 2.03 -15.50 -3.29
CA GLU A 172 2.73 -15.85 -2.04
C GLU A 172 3.98 -15.04 -1.67
N LEU A 173 3.95 -13.74 -1.89
CA LEU A 173 5.11 -12.95 -1.55
C LEU A 173 5.10 -12.77 -0.04
N ASP A 174 6.29 -12.75 0.56
CA ASP A 174 6.34 -12.53 2.01
C ASP A 174 6.89 -11.12 2.20
N ASP A 175 7.05 -10.70 3.44
CA ASP A 175 7.57 -9.37 3.77
C ASP A 175 8.91 -9.02 3.16
N SER A 176 9.85 -9.96 3.14
CA SER A 176 11.17 -9.66 2.57
C SER A 176 11.06 -9.44 1.05
N ASP A 177 10.10 -10.11 0.42
CA ASP A 177 9.85 -9.94 -1.01
C ASP A 177 9.21 -8.55 -1.21
N LEU A 178 8.18 -8.26 -0.42
CA LEU A 178 7.44 -6.99 -0.47
C LEU A 178 8.31 -5.76 -0.29
N ALA A 179 9.30 -5.86 0.59
CA ALA A 179 10.20 -4.74 0.86
C ALA A 179 10.93 -4.26 -0.41
N ILE A 180 11.42 -5.21 -1.21
CA ILE A 180 12.12 -4.84 -2.43
C ILE A 180 11.11 -4.39 -3.48
N PHE A 181 9.97 -5.08 -3.53
CA PHE A 181 8.92 -4.78 -4.49
C PHE A 181 8.47 -3.32 -4.30
N ILE A 182 8.23 -2.94 -3.05
CA ILE A 182 7.77 -1.61 -2.70
C ILE A 182 8.82 -0.57 -3.13
N ALA A 183 10.09 -0.86 -2.81
CA ALA A 183 11.19 -0.01 -3.17
C ALA A 183 11.29 0.21 -4.69
N VAL A 184 11.10 -0.86 -5.47
CA VAL A 184 11.18 -0.73 -6.92
C VAL A 184 10.07 0.23 -7.40
N ILE A 185 8.87 0.12 -6.82
CA ILE A 185 7.72 0.96 -7.19
C ILE A 185 7.97 2.45 -6.90
N ILE A 186 8.46 2.73 -5.72
CA ILE A 186 8.74 4.08 -5.36
C ILE A 186 9.73 4.70 -6.36
N LEU A 187 10.78 3.94 -6.72
CA LEU A 187 11.81 4.42 -7.64
C LEU A 187 11.52 4.29 -9.17
N SER A 188 10.35 4.75 -9.59
CA SER A 188 9.93 4.71 -11.01
C SER A 188 10.31 5.99 -11.71
N GLY A 189 11.21 5.87 -12.69
CA GLY A 189 11.65 7.04 -13.43
C GLY A 189 10.63 7.66 -14.36
N ASP A 190 9.51 6.98 -14.60
CA ASP A 190 8.51 7.54 -15.51
C ASP A 190 7.38 8.33 -14.87
N ARG A 191 7.51 8.68 -13.58
CA ARG A 191 6.46 9.47 -12.91
C ARG A 191 6.39 10.83 -13.60
N PRO A 192 5.19 11.41 -13.66
CA PRO A 192 5.01 12.70 -14.32
C PRO A 192 5.70 13.84 -13.61
N GLY A 193 6.44 14.63 -14.38
CA GLY A 193 7.11 15.80 -13.83
C GLY A 193 8.41 15.61 -13.07
N LEU A 194 9.07 14.46 -13.25
CA LEU A 194 10.35 14.21 -12.59
C LEU A 194 11.39 15.07 -13.26
N LEU A 195 12.23 15.72 -12.45
CA LEU A 195 13.29 16.57 -12.99
C LEU A 195 14.55 15.80 -13.43
N ASN A 196 14.99 14.84 -12.60
CA ASN A 196 16.21 14.06 -12.87
C ASN A 196 15.93 12.56 -12.92
N VAL A 197 15.53 12.12 -14.10
CA VAL A 197 15.17 10.74 -14.37
C VAL A 197 16.31 9.74 -14.18
N LYS A 198 17.46 10.01 -14.81
CA LYS A 198 18.61 9.11 -14.79
C LYS A 198 19.03 8.52 -13.42
N PRO A 199 19.26 9.36 -12.41
CA PRO A 199 19.65 8.78 -11.13
C PRO A 199 18.56 7.88 -10.47
N ILE A 200 17.29 8.16 -10.76
CA ILE A 200 16.18 7.37 -10.22
C ILE A 200 16.19 5.99 -10.91
N GLU A 201 16.37 5.98 -12.23
CA GLU A 201 16.42 4.72 -12.99
C GLU A 201 17.63 3.90 -12.59
N ASP A 202 18.75 4.57 -12.31
CA ASP A 202 19.97 3.87 -11.86
C ASP A 202 19.73 3.11 -10.53
N ILE A 203 19.08 3.77 -9.57
CA ILE A 203 18.77 3.13 -8.30
C ILE A 203 17.75 2.03 -8.54
N GLN A 204 16.79 2.28 -9.43
CA GLN A 204 15.79 1.26 -9.70
C GLN A 204 16.39 0.04 -10.39
N ASP A 205 17.37 0.24 -11.27
CA ASP A 205 17.99 -0.91 -11.96
C ASP A 205 18.61 -1.82 -10.93
N ASN A 206 19.32 -1.23 -9.97
CA ASN A 206 19.95 -2.00 -8.91
C ASN A 206 18.85 -2.68 -8.05
N LEU A 207 17.77 -1.96 -7.70
CA LEU A 207 16.69 -2.58 -6.92
C LEU A 207 16.08 -3.77 -7.66
N LEU A 208 15.91 -3.62 -8.97
CA LEU A 208 15.34 -4.68 -9.80
C LEU A 208 16.25 -5.93 -9.77
N GLN A 209 17.56 -5.74 -9.80
CA GLN A 209 18.48 -6.87 -9.73
C GLN A 209 18.39 -7.53 -8.34
N ALA A 210 18.25 -6.74 -7.30
CA ALA A 210 18.11 -7.33 -5.97
C ALA A 210 16.77 -8.09 -5.90
N LEU A 211 15.71 -7.56 -6.50
CA LEU A 211 14.40 -8.24 -6.47
C LEU A 211 14.41 -9.59 -7.20
N GLU A 212 15.00 -9.61 -8.38
CA GLU A 212 15.10 -10.82 -9.19
C GLU A 212 15.84 -11.94 -8.43
N LEU A 213 16.95 -11.57 -7.82
CA LEU A 213 17.74 -12.52 -7.07
C LEU A 213 16.93 -12.99 -5.84
N GLN A 214 16.26 -12.05 -5.16
CA GLN A 214 15.45 -12.38 -3.99
C GLN A 214 14.34 -13.37 -4.33
N LEU A 215 13.63 -13.13 -5.43
CA LEU A 215 12.55 -14.02 -5.83
C LEU A 215 13.06 -15.38 -6.26
N LYS A 216 14.24 -15.42 -6.89
CA LYS A 216 14.81 -16.70 -7.31
C LYS A 216 15.28 -17.55 -6.12
N LEU A 217 15.86 -16.90 -5.11
CA LEU A 217 16.33 -17.62 -3.91
C LEU A 217 15.20 -17.99 -2.94
N ASN A 218 14.20 -17.11 -2.82
CA ASN A 218 13.09 -17.33 -1.92
C ASN A 218 11.95 -18.18 -2.52
N HIS A 219 11.83 -18.20 -3.83
CA HIS A 219 10.75 -18.99 -4.45
C HIS A 219 11.35 -19.68 -5.67
N PRO A 220 12.35 -20.54 -5.45
CA PRO A 220 13.01 -21.23 -6.57
C PRO A 220 12.11 -22.00 -7.53
N GLU A 221 10.97 -22.48 -7.04
CA GLU A 221 10.03 -23.27 -7.86
C GLU A 221 8.92 -22.43 -8.54
N SER A 222 8.78 -21.16 -8.19
CA SER A 222 7.72 -20.33 -8.76
C SER A 222 8.05 -19.79 -10.17
N SER A 223 7.51 -20.43 -11.20
CA SER A 223 7.80 -20.06 -12.59
C SER A 223 7.52 -18.63 -12.98
N GLN A 224 8.53 -17.98 -13.55
CA GLN A 224 8.40 -16.61 -13.98
C GLN A 224 7.84 -15.64 -12.92
N LEU A 225 8.12 -15.89 -11.64
CA LEU A 225 7.60 -15.00 -10.58
C LEU A 225 8.00 -13.54 -10.83
N PHE A 226 9.26 -13.32 -11.13
CA PHE A 226 9.78 -11.98 -11.39
C PHE A 226 8.90 -11.26 -12.43
N ALA A 227 8.71 -11.87 -13.60
CA ALA A 227 7.88 -11.25 -14.62
C ALA A 227 6.46 -11.05 -14.12
N LYS A 228 5.90 -12.02 -13.42
CA LYS A 228 4.55 -11.84 -12.93
C LYS A 228 4.46 -10.66 -11.98
N LEU A 229 5.51 -10.44 -11.17
CA LEU A 229 5.50 -9.35 -10.23
C LEU A 229 5.57 -8.00 -10.89
N LEU A 230 6.35 -7.92 -11.94
CA LEU A 230 6.47 -6.65 -12.63
C LEU A 230 5.13 -6.23 -13.21
N GLN A 231 4.41 -7.21 -13.74
CA GLN A 231 3.12 -6.97 -14.35
C GLN A 231 2.19 -6.36 -13.32
N LYS A 232 2.23 -6.89 -12.08
CA LYS A 232 1.40 -6.38 -10.99
C LYS A 232 1.72 -4.91 -10.68
N MET A 233 2.96 -4.52 -10.89
CA MET A 233 3.31 -3.14 -10.66
C MET A 233 2.48 -2.30 -11.61
N THR A 234 2.42 -2.69 -12.88
CA THR A 234 1.63 -1.95 -13.84
C THR A 234 0.15 -2.04 -13.46
N ASP A 235 -0.35 -3.23 -13.09
CA ASP A 235 -1.76 -3.36 -12.68
C ASP A 235 -2.13 -2.34 -11.58
N LEU A 236 -1.26 -2.15 -10.59
CA LEU A 236 -1.50 -1.21 -9.50
C LEU A 236 -1.84 0.18 -10.04
N ARG A 237 -1.20 0.58 -11.13
CA ARG A 237 -1.51 1.88 -11.71
C ARG A 237 -2.97 2.01 -12.16
N GLN A 238 -3.53 0.92 -12.72
CA GLN A 238 -4.89 0.93 -13.18
C GLN A 238 -5.78 1.03 -11.96
N ILE A 239 -5.40 0.31 -10.91
CA ILE A 239 -6.16 0.34 -9.69
C ILE A 239 -6.30 1.78 -9.19
N VAL A 240 -5.19 2.52 -9.17
CA VAL A 240 -5.22 3.90 -8.72
C VAL A 240 -6.14 4.73 -9.61
N THR A 241 -5.97 4.59 -10.93
CA THR A 241 -6.78 5.28 -11.92
C THR A 241 -8.28 5.06 -11.67
N GLU A 242 -8.66 3.82 -11.46
CA GLU A 242 -10.06 3.49 -11.19
C GLU A 242 -10.49 4.21 -9.91
N HIS A 243 -9.62 4.21 -8.92
CA HIS A 243 -9.92 4.83 -7.63
C HIS A 243 -10.09 6.34 -7.71
N VAL A 244 -9.17 7.00 -8.40
CA VAL A 244 -9.23 8.46 -8.54
C VAL A 244 -10.54 8.85 -9.24
N GLN A 245 -10.96 8.10 -10.26
CA GLN A 245 -12.20 8.48 -10.94
C GLN A 245 -13.43 8.30 -10.06
N LEU A 246 -13.41 7.37 -9.10
CA LEU A 246 -14.53 7.20 -8.19
C LEU A 246 -14.49 8.35 -7.18
N LEU A 247 -13.28 8.77 -6.82
CA LEU A 247 -13.16 9.91 -5.90
C LEU A 247 -13.67 11.17 -6.61
N GLN A 248 -13.50 11.25 -7.94
CA GLN A 248 -13.98 12.40 -8.71
C GLN A 248 -15.49 12.45 -8.53
N VAL A 249 -16.13 11.30 -8.63
CA VAL A 249 -17.58 11.23 -8.47
C VAL A 249 -18.01 11.80 -7.13
N ILE A 250 -17.42 11.26 -6.06
CA ILE A 250 -17.70 11.67 -4.70
C ILE A 250 -17.47 13.17 -4.46
N LYS A 251 -16.41 13.70 -5.01
CA LYS A 251 -16.10 15.11 -4.85
C LYS A 251 -17.22 15.94 -5.48
N LYS A 252 -17.74 15.44 -6.59
CA LYS A 252 -18.81 16.09 -7.36
C LYS A 252 -20.23 15.93 -6.85
N THR A 253 -20.55 14.79 -6.25
CA THR A 253 -21.91 14.51 -5.77
C THR A 253 -22.12 14.57 -4.25
N GLU A 254 -21.04 14.79 -3.52
CA GLU A 254 -21.07 14.91 -2.07
C GLU A 254 -20.31 16.21 -1.83
N THR A 255 -20.81 17.31 -2.38
CA THR A 255 -20.17 18.63 -2.29
C THR A 255 -19.82 19.14 -0.89
N ASP A 256 -20.41 18.55 0.14
CA ASP A 256 -20.15 18.97 1.52
C ASP A 256 -19.01 18.16 2.14
N MET A 257 -18.60 17.12 1.42
CA MET A 257 -17.50 16.24 1.86
C MET A 257 -16.19 16.72 1.26
N SER A 258 -15.11 16.43 1.96
CA SER A 258 -13.78 16.79 1.51
C SER A 258 -12.83 15.75 2.09
N LEU A 259 -11.68 15.59 1.44
CA LEU A 259 -10.68 14.62 1.92
C LEU A 259 -9.76 15.26 2.97
N HIS A 260 -9.18 14.40 3.81
CA HIS A 260 -8.23 14.83 4.82
C HIS A 260 -7.13 15.64 4.07
N PRO A 261 -6.57 16.69 4.70
CA PRO A 261 -5.53 17.54 4.10
C PRO A 261 -4.35 16.86 3.39
N LEU A 262 -3.74 15.89 4.05
CA LEU A 262 -2.60 15.19 3.47
C LEU A 262 -2.99 14.50 2.16
N LEU A 263 -4.19 13.92 2.11
CA LEU A 263 -4.69 13.25 0.92
C LEU A 263 -4.99 14.25 -0.17
N GLN A 264 -5.51 15.42 0.22
CA GLN A 264 -5.83 16.46 -0.76
C GLN A 264 -4.55 16.88 -1.47
N GLU A 265 -3.46 17.02 -0.71
CA GLU A 265 -2.19 17.44 -1.28
C GLU A 265 -1.59 16.36 -2.21
N ILE A 266 -1.76 15.08 -1.87
CA ILE A 266 -1.24 14.01 -2.69
C ILE A 266 -2.07 13.91 -3.98
N TYR A 267 -3.39 14.07 -3.86
CA TYR A 267 -4.25 13.98 -5.04
C TYR A 267 -4.29 15.16 -6.01
N LYS A 268 -3.97 16.37 -5.59
CA LYS A 268 -4.04 17.48 -6.52
C LYS A 268 -2.94 17.47 -7.56
N ASP A 269 -3.34 17.61 -8.82
CA ASP A 269 -2.41 17.63 -9.94
C ASP A 269 -1.70 16.28 -10.06
N LEU A 270 -2.47 15.22 -9.79
CA LEU A 270 -1.98 13.86 -9.90
C LEU A 270 -2.44 13.46 -11.29
N TYR A 271 -1.50 13.25 -12.21
CA TYR A 271 -1.85 12.91 -13.60
C TYR A 271 -2.78 13.99 -14.18
N HIS B 4 4.42 19.97 0.50
CA HIS B 4 3.97 20.82 1.66
C HIS B 4 4.09 19.96 2.90
N LYS B 5 3.10 19.10 3.13
CA LYS B 5 3.18 18.19 4.27
C LYS B 5 4.18 17.10 3.90
N LEU B 6 4.21 16.73 2.62
CA LEU B 6 5.11 15.69 2.14
C LEU B 6 6.54 16.12 2.42
N VAL B 7 6.84 17.38 2.11
CA VAL B 7 8.15 17.96 2.34
C VAL B 7 8.60 17.83 3.79
N GLN B 8 7.73 18.17 4.74
CA GLN B 8 8.08 18.09 6.17
C GLN B 8 8.33 16.62 6.59
N LEU B 9 7.57 15.71 6.02
CA LEU B 9 7.75 14.30 6.35
C LEU B 9 9.05 13.79 5.75
N LEU B 10 9.38 14.26 4.56
CA LEU B 10 10.60 13.82 3.89
C LEU B 10 11.88 14.29 4.56
N THR B 11 11.83 15.44 5.23
CA THR B 11 13.02 16.01 5.85
C THR B 11 13.15 15.91 7.35
N THR B 12 12.16 15.32 7.99
CA THR B 12 12.18 15.12 9.43
C THR B 12 13.25 14.08 9.75
N THR B 13 13.90 14.21 10.90
CA THR B 13 14.92 13.27 11.30
C THR B 13 14.61 12.77 12.69
#